data_1YZX
#
_entry.id   1YZX
#
_cell.length_a   98.275
_cell.length_b   118.274
_cell.length_c   52.591
_cell.angle_alpha   90.00
_cell.angle_beta   102.67
_cell.angle_gamma   90.00
#
_symmetry.space_group_name_H-M   'C 1 2 1'
#
loop_
_entity.id
_entity.type
_entity.pdbx_description
1 polymer 'Glutathione S-transferase kappa 1'
2 non-polymer L-GAMMA-GLUTAMYL-3-SULFINO-L-ALANYLGLYCINE
3 water water
#
_entity_poly.entity_id   1
_entity_poly.type   'polypeptide(L)'
_entity_poly.pdbx_seq_one_letter_code
;MGPLPRTVELFYDVLSPYSWLGFEILCRYQNIWNINLQLRPSLITGIMKDSGNKPPGLLPRKGLYMANDLKLLRHHLQIP
IHFPKDFLSVMLEKGSLSAMRFLTAVNLEHPEMLEKASRELWMRVWSRNEDITEPQSILAAAEKAGMSAEQAQGLLEKIA
TPKVKNQLKETTEAACRYGAFGLPITVAHVDGQTHMLFGSDRMELLAHLLGEKWMGPIPPAVNARL
;
_entity_poly.pdbx_strand_id   A,B
#
# COMPACT_ATOMS: atom_id res chain seq x y z
N LEU A 4 -27.91 6.33 -10.92
CA LEU A 4 -28.08 5.55 -9.65
C LEU A 4 -26.76 5.49 -8.87
N PRO A 5 -26.82 5.63 -7.54
CA PRO A 5 -25.63 5.59 -6.71
C PRO A 5 -24.94 4.23 -6.71
N ARG A 6 -23.62 4.24 -6.80
CA ARG A 6 -22.83 3.02 -6.80
C ARG A 6 -22.67 2.47 -5.38
N THR A 7 -22.87 1.17 -5.22
CA THR A 7 -22.73 0.55 -3.91
C THR A 7 -21.26 0.29 -3.63
N VAL A 8 -20.80 0.73 -2.47
CA VAL A 8 -19.41 0.53 -2.06
C VAL A 8 -19.41 -0.21 -0.73
N GLU A 9 -18.81 -1.40 -0.70
CA GLU A 9 -18.77 -2.17 0.53
C GLU A 9 -17.40 -2.04 1.19
N LEU A 10 -17.40 -1.77 2.50
CA LEU A 10 -16.14 -1.65 3.22
C LEU A 10 -16.09 -2.73 4.29
N PHE A 11 -15.14 -3.65 4.17
CA PHE A 11 -14.99 -4.71 5.15
C PHE A 11 -13.90 -4.23 6.12
N TYR A 12 -14.17 -4.31 7.41
CA TYR A 12 -13.22 -3.83 8.40
C TYR A 12 -13.27 -4.58 9.72
N ASP A 13 -12.26 -4.35 10.54
CA ASP A 13 -12.14 -4.94 11.86
C ASP A 13 -11.56 -3.80 12.69
N VAL A 14 -12.06 -3.61 13.91
CA VAL A 14 -11.53 -2.54 14.74
C VAL A 14 -10.08 -2.83 15.15
N LEU A 15 -9.68 -4.09 15.01
CA LEU A 15 -8.30 -4.48 15.35
C LEU A 15 -7.32 -3.98 14.29
N SER A 16 -7.86 -3.51 13.17
CA SER A 16 -7.06 -3.03 12.06
C SER A 16 -6.97 -1.50 12.03
N PRO A 17 -5.79 -0.94 12.34
CA PRO A 17 -5.66 0.53 12.32
C PRO A 17 -5.83 1.10 10.91
N TYR A 18 -5.35 0.38 9.91
CA TYR A 18 -5.48 0.87 8.55
C TYR A 18 -6.95 0.86 8.11
N SER A 19 -7.74 -0.03 8.69
CA SER A 19 -9.17 -0.09 8.34
C SER A 19 -9.84 1.18 8.85
N TRP A 20 -9.40 1.68 10.01
CA TRP A 20 -9.97 2.90 10.57
C TRP A 20 -9.68 4.07 9.63
N LEU A 21 -8.46 4.13 9.09
CA LEU A 21 -8.09 5.21 8.18
C LEU A 21 -8.97 5.19 6.92
N GLY A 22 -9.15 4.01 6.34
CA GLY A 22 -9.98 3.89 5.14
C GLY A 22 -11.42 4.26 5.43
N PHE A 23 -11.90 3.83 6.59
CA PHE A 23 -13.26 4.10 7.03
C PHE A 23 -13.53 5.60 7.17
N GLU A 24 -12.60 6.34 7.77
CA GLU A 24 -12.80 7.78 7.94
C GLU A 24 -12.81 8.51 6.60
N ILE A 25 -11.97 8.08 5.67
CA ILE A 25 -11.91 8.72 4.37
C ILE A 25 -13.22 8.50 3.61
N LEU A 26 -13.73 7.28 3.60
CA LEU A 26 -14.99 7.00 2.91
C LEU A 26 -16.17 7.72 3.57
N CYS A 27 -16.15 7.84 4.90
CA CYS A 27 -17.23 8.53 5.60
C CYS A 27 -17.24 10.01 5.24
N ARG A 28 -16.07 10.57 4.97
CA ARG A 28 -15.98 11.98 4.61
C ARG A 28 -16.51 12.22 3.20
N TYR A 29 -16.44 11.20 2.35
CA TYR A 29 -16.89 11.29 0.97
C TYR A 29 -18.29 10.74 0.71
N GLN A 30 -18.87 10.02 1.66
CA GLN A 30 -20.18 9.43 1.47
C GLN A 30 -21.29 10.40 1.07
N ASN A 31 -21.13 11.67 1.41
CA ASN A 31 -22.13 12.66 1.05
C ASN A 31 -21.65 13.57 -0.07
N ILE A 32 -20.51 13.22 -0.66
CA ILE A 32 -19.93 13.99 -1.75
C ILE A 32 -20.07 13.19 -3.05
N TRP A 33 -19.59 11.95 -3.01
CA TRP A 33 -19.68 11.07 -4.17
C TRP A 33 -21.05 10.41 -4.23
N ASN A 34 -21.45 10.01 -5.43
CA ASN A 34 -22.73 9.35 -5.63
C ASN A 34 -22.53 7.88 -5.32
N ILE A 35 -22.45 7.55 -4.03
CA ILE A 35 -22.24 6.17 -3.61
C ILE A 35 -23.15 5.80 -2.45
N ASN A 36 -23.30 4.50 -2.26
CA ASN A 36 -24.10 3.95 -1.17
C ASN A 36 -23.11 3.15 -0.34
N LEU A 37 -22.64 3.73 0.76
CA LEU A 37 -21.66 3.08 1.62
C LEU A 37 -22.26 2.03 2.55
N GLN A 38 -21.80 0.80 2.41
CA GLN A 38 -22.28 -0.29 3.24
C GLN A 38 -21.14 -0.84 4.10
N LEU A 39 -21.27 -0.68 5.41
CA LEU A 39 -20.25 -1.14 6.35
C LEU A 39 -20.40 -2.64 6.61
N ARG A 40 -19.29 -3.37 6.57
CA ARG A 40 -19.33 -4.82 6.79
C ARG A 40 -18.34 -5.27 7.86
N PRO A 41 -18.78 -5.32 9.13
CA PRO A 41 -17.92 -5.74 10.25
C PRO A 41 -17.42 -7.16 10.00
N SER A 42 -16.09 -7.34 9.99
CA SER A 42 -15.48 -8.64 9.73
C SER A 42 -14.37 -8.93 10.74
N LEU A 43 -13.86 -10.16 10.68
CA LEU A 43 -12.77 -10.58 11.57
C LEU A 43 -11.51 -10.76 10.75
N ILE A 44 -10.52 -9.91 10.97
CA ILE A 44 -9.29 -10.04 10.20
C ILE A 44 -8.62 -11.39 10.47
N THR A 45 -8.78 -11.92 11.68
CA THR A 45 -8.18 -13.21 12.01
C THR A 45 -8.73 -14.30 11.09
N GLY A 46 -10.04 -14.23 10.83
CA GLY A 46 -10.65 -15.21 9.95
C GLY A 46 -10.14 -15.09 8.52
N ILE A 47 -9.94 -13.86 8.06
CA ILE A 47 -9.45 -13.61 6.72
C ILE A 47 -8.00 -14.09 6.57
N MET A 48 -7.18 -13.82 7.57
CA MET A 48 -5.78 -14.23 7.54
C MET A 48 -5.68 -15.76 7.49
N LYS A 49 -6.45 -16.43 8.34
CA LYS A 49 -6.43 -17.89 8.38
C LYS A 49 -6.86 -18.51 7.05
N ASP A 50 -7.94 -17.98 6.47
CA ASP A 50 -8.46 -18.47 5.21
C ASP A 50 -7.49 -18.28 4.04
N SER A 51 -6.79 -17.15 4.02
CA SER A 51 -5.87 -16.85 2.93
C SER A 51 -4.45 -17.37 3.16
N GLY A 52 -4.16 -17.81 4.39
CA GLY A 52 -2.83 -18.30 4.69
C GLY A 52 -1.84 -17.17 4.91
N ASN A 53 -2.37 -15.98 5.15
CA ASN A 53 -1.55 -14.79 5.37
C ASN A 53 -1.29 -14.61 6.86
N LYS A 54 -0.39 -13.70 7.21
CA LYS A 54 -0.09 -13.44 8.63
C LYS A 54 0.05 -11.94 8.83
N PRO A 55 -0.15 -11.45 10.07
CA PRO A 55 -0.03 -10.02 10.33
C PRO A 55 1.33 -9.49 9.86
N PRO A 56 1.34 -8.36 9.14
CA PRO A 56 2.62 -7.81 8.67
C PRO A 56 3.58 -7.45 9.80
N GLY A 57 3.03 -7.04 10.94
CA GLY A 57 3.83 -6.65 12.08
C GLY A 57 4.71 -7.73 12.69
N LEU A 58 4.49 -8.98 12.31
CA LEU A 58 5.31 -10.07 12.84
C LEU A 58 6.75 -9.95 12.37
N LEU A 59 6.97 -9.30 11.23
CA LEU A 59 8.31 -9.11 10.70
C LEU A 59 8.78 -7.77 11.25
N PRO A 60 9.87 -7.76 12.02
CA PRO A 60 10.46 -6.56 12.64
C PRO A 60 10.45 -5.29 11.81
N ARG A 61 11.00 -5.34 10.60
CA ARG A 61 11.05 -4.14 9.78
C ARG A 61 9.69 -3.65 9.34
N LYS A 62 8.75 -4.56 9.15
CA LYS A 62 7.40 -4.14 8.75
C LYS A 62 6.69 -3.53 9.95
N GLY A 63 6.95 -4.08 11.14
CA GLY A 63 6.33 -3.56 12.34
C GLY A 63 6.83 -2.15 12.61
N LEU A 64 8.12 -1.94 12.40
CA LEU A 64 8.71 -0.63 12.61
C LEU A 64 8.15 0.37 11.60
N TYR A 65 8.00 -0.07 10.36
CA TYR A 65 7.47 0.79 9.32
C TYR A 65 6.04 1.21 9.63
N MET A 66 5.20 0.27 10.05
CA MET A 66 3.81 0.57 10.39
C MET A 66 3.74 1.70 11.40
N ALA A 67 4.59 1.62 12.42
CA ALA A 67 4.61 2.64 13.47
C ALA A 67 4.94 4.01 12.90
N ASN A 68 5.95 4.08 12.04
CA ASN A 68 6.34 5.35 11.43
C ASN A 68 5.29 5.85 10.45
N ASP A 69 4.74 4.92 9.68
CA ASP A 69 3.71 5.27 8.69
C ASP A 69 2.48 5.85 9.37
N LEU A 70 1.99 5.18 10.41
CA LEU A 70 0.81 5.65 11.13
C LEU A 70 1.04 7.01 11.80
N LYS A 71 2.27 7.25 12.22
CA LYS A 71 2.61 8.53 12.85
C LYS A 71 2.46 9.67 11.85
N LEU A 72 2.90 9.46 10.61
CA LEU A 72 2.79 10.49 9.58
C LEU A 72 1.35 10.63 9.09
N LEU A 73 0.65 9.52 8.94
CA LEU A 73 -0.73 9.54 8.47
C LEU A 73 -1.68 10.24 9.44
N ARG A 74 -1.32 10.23 10.72
CA ARG A 74 -2.11 10.90 11.74
C ARG A 74 -2.27 12.38 11.38
N HIS A 75 -1.18 12.97 10.90
CA HIS A 75 -1.18 14.38 10.52
C HIS A 75 -1.77 14.63 9.14
N HIS A 76 -1.39 13.79 8.18
CA HIS A 76 -1.90 13.93 6.82
C HIS A 76 -3.41 13.73 6.74
N LEU A 77 -3.91 12.70 7.41
CA LEU A 77 -5.34 12.39 7.37
C LEU A 77 -6.16 13.06 8.47
N GLN A 78 -5.49 13.66 9.43
CA GLN A 78 -6.14 14.30 10.57
C GLN A 78 -7.07 13.33 11.29
N ILE A 79 -6.48 12.21 11.72
CA ILE A 79 -7.18 11.17 12.47
C ILE A 79 -6.28 10.99 13.69
N PRO A 80 -6.85 11.16 14.90
CA PRO A 80 -6.11 11.05 16.16
C PRO A 80 -5.59 9.67 16.53
N ILE A 81 -4.84 9.03 15.63
CA ILE A 81 -4.33 7.72 15.93
C ILE A 81 -3.00 7.78 16.67
N HIS A 82 -2.91 7.04 17.77
CA HIS A 82 -1.69 6.98 18.58
C HIS A 82 -1.34 5.51 18.76
N PHE A 83 -0.62 4.98 17.78
CA PHE A 83 -0.21 3.58 17.77
C PHE A 83 0.67 3.24 18.96
N PRO A 84 0.26 2.26 19.79
CA PRO A 84 1.04 1.85 20.97
C PRO A 84 2.23 0.96 20.63
N LYS A 85 3.28 1.04 21.45
CA LYS A 85 4.49 0.25 21.23
C LYS A 85 4.22 -1.24 21.33
N ASP A 86 3.29 -1.62 22.21
CA ASP A 86 2.96 -3.04 22.39
C ASP A 86 1.76 -3.45 21.55
N PHE A 87 1.68 -2.92 20.33
CA PHE A 87 0.56 -3.23 19.44
C PHE A 87 0.39 -4.71 19.12
N LEU A 88 1.49 -5.46 19.08
CA LEU A 88 1.40 -6.89 18.78
C LEU A 88 0.66 -7.63 19.88
N SER A 89 0.86 -7.20 21.11
CA SER A 89 0.18 -7.84 22.24
C SER A 89 -1.32 -7.55 22.10
N VAL A 90 -1.65 -6.30 21.79
CA VAL A 90 -3.04 -5.90 21.63
C VAL A 90 -3.73 -6.72 20.54
N MET A 91 -3.02 -6.89 19.42
CA MET A 91 -3.56 -7.64 18.29
C MET A 91 -3.63 -9.16 18.49
N LEU A 92 -2.53 -9.77 18.90
CA LEU A 92 -2.47 -11.22 19.06
C LEU A 92 -2.93 -11.80 20.39
N GLU A 93 -2.68 -11.08 21.49
CA GLU A 93 -3.06 -11.56 22.80
C GLU A 93 -4.49 -11.21 23.20
N LYS A 94 -4.93 -10.00 22.87
CA LYS A 94 -6.28 -9.57 23.24
C LYS A 94 -7.32 -9.78 22.14
N GLY A 95 -7.06 -9.25 20.95
CA GLY A 95 -8.00 -9.43 19.86
C GLY A 95 -9.22 -8.53 19.90
N SER A 96 -10.15 -8.79 18.99
CA SER A 96 -11.35 -7.97 18.90
C SER A 96 -12.64 -8.79 18.71
N LEU A 97 -12.64 -10.04 19.14
CA LEU A 97 -13.81 -10.89 18.95
C LEU A 97 -15.13 -10.33 19.50
N SER A 98 -15.15 -9.99 20.78
CA SER A 98 -16.35 -9.45 21.39
C SER A 98 -16.80 -8.15 20.75
N ALA A 99 -15.82 -7.29 20.44
CA ALA A 99 -16.11 -6.00 19.83
C ALA A 99 -16.77 -6.17 18.47
N MET A 100 -16.25 -7.07 17.65
CA MET A 100 -16.80 -7.27 16.32
C MET A 100 -18.16 -7.97 16.39
N ARG A 101 -18.35 -8.83 17.40
CA ARG A 101 -19.64 -9.49 17.55
C ARG A 101 -20.65 -8.42 17.97
N PHE A 102 -20.20 -7.50 18.81
CA PHE A 102 -21.06 -6.41 19.26
C PHE A 102 -21.45 -5.53 18.08
N LEU A 103 -20.49 -5.20 17.22
CA LEU A 103 -20.79 -4.35 16.06
C LEU A 103 -21.73 -5.09 15.10
N THR A 104 -21.64 -6.41 15.09
CA THR A 104 -22.51 -7.20 14.22
C THR A 104 -23.95 -7.07 14.75
N ALA A 105 -24.10 -7.20 16.07
CA ALA A 105 -25.43 -7.08 16.68
C ALA A 105 -25.98 -5.69 16.38
N VAL A 106 -25.12 -4.68 16.47
CA VAL A 106 -25.52 -3.30 16.20
C VAL A 106 -26.03 -3.20 14.77
N ASN A 107 -25.30 -3.83 13.84
CA ASN A 107 -25.68 -3.79 12.43
C ASN A 107 -27.03 -4.46 12.18
N LEU A 108 -27.34 -5.49 12.96
CA LEU A 108 -28.58 -6.22 12.82
C LEU A 108 -29.81 -5.52 13.39
N GLU A 109 -29.66 -4.82 14.51
CA GLU A 109 -30.80 -4.15 15.13
C GLU A 109 -30.80 -2.62 15.08
N HIS A 110 -29.61 -2.01 15.08
CA HIS A 110 -29.51 -0.55 15.04
C HIS A 110 -28.42 -0.10 14.07
N PRO A 111 -28.59 -0.40 12.78
CA PRO A 111 -27.60 -0.03 11.76
C PRO A 111 -27.30 1.46 11.64
N GLU A 112 -28.22 2.31 12.10
CA GLU A 112 -28.00 3.75 12.04
C GLU A 112 -26.93 4.17 13.04
N MET A 113 -26.61 3.27 13.97
CA MET A 113 -25.61 3.53 15.00
C MET A 113 -24.27 2.87 14.70
N LEU A 114 -24.19 2.11 13.60
CA LEU A 114 -22.96 1.41 13.26
C LEU A 114 -21.72 2.29 13.04
N GLU A 115 -21.86 3.37 12.28
CA GLU A 115 -20.71 4.25 12.05
C GLU A 115 -20.14 4.81 13.35
N LYS A 116 -21.00 5.40 14.19
CA LYS A 116 -20.54 5.97 15.44
C LYS A 116 -19.99 4.93 16.42
N ALA A 117 -20.65 3.78 16.52
CA ALA A 117 -20.20 2.72 17.41
C ALA A 117 -18.84 2.20 16.98
N SER A 118 -18.63 2.12 15.67
CA SER A 118 -17.36 1.63 15.14
C SER A 118 -16.25 2.62 15.47
N ARG A 119 -16.50 3.90 15.20
CA ARG A 119 -15.52 4.95 15.48
C ARG A 119 -15.12 4.98 16.95
N GLU A 120 -16.08 4.82 17.85
CA GLU A 120 -15.76 4.84 19.28
C GLU A 120 -14.87 3.69 19.70
N LEU A 121 -15.08 2.51 19.12
CA LEU A 121 -14.24 1.37 19.49
C LEU A 121 -12.82 1.59 18.97
N TRP A 122 -12.71 2.14 17.76
CA TRP A 122 -11.39 2.43 17.20
C TRP A 122 -10.69 3.47 18.08
N MET A 123 -11.45 4.48 18.52
CA MET A 123 -10.91 5.52 19.39
C MET A 123 -10.31 4.91 20.66
N ARG A 124 -10.99 3.93 21.24
CA ARG A 124 -10.47 3.29 22.45
C ARG A 124 -9.15 2.58 22.22
N VAL A 125 -9.13 1.64 21.28
CA VAL A 125 -7.92 0.87 21.03
C VAL A 125 -6.74 1.58 20.35
N TRP A 126 -7.00 2.38 19.33
CA TRP A 126 -5.90 3.06 18.63
C TRP A 126 -5.71 4.55 18.90
N SER A 127 -6.51 5.14 19.76
CA SER A 127 -6.32 6.56 20.05
C SER A 127 -5.95 6.75 21.53
N ARG A 128 -6.72 6.13 22.42
CA ARG A 128 -6.47 6.27 23.85
C ARG A 128 -5.82 5.05 24.49
N ASN A 129 -5.50 4.05 23.67
CA ASN A 129 -4.85 2.83 24.16
C ASN A 129 -5.67 2.21 25.29
N GLU A 130 -6.98 2.14 25.09
CA GLU A 130 -7.89 1.55 26.08
C GLU A 130 -8.34 0.16 25.65
N ASP A 131 -8.74 -0.66 26.62
CA ASP A 131 -9.18 -2.02 26.36
C ASP A 131 -10.50 -2.09 25.60
N ILE A 132 -10.64 -3.11 24.76
CA ILE A 132 -11.87 -3.31 24.01
C ILE A 132 -12.35 -4.76 24.09
N THR A 133 -11.85 -5.51 25.07
CA THR A 133 -12.25 -6.92 25.21
C THR A 133 -13.26 -7.16 26.34
N GLU A 134 -13.21 -6.32 27.37
CA GLU A 134 -14.11 -6.46 28.51
C GLU A 134 -15.47 -5.81 28.28
N PRO A 135 -16.54 -6.42 28.83
CA PRO A 135 -17.91 -5.93 28.70
C PRO A 135 -18.08 -4.44 29.02
N GLN A 136 -17.53 -4.00 30.14
CA GLN A 136 -17.64 -2.60 30.53
C GLN A 136 -16.97 -1.68 29.50
N SER A 137 -15.91 -2.17 28.87
CA SER A 137 -15.20 -1.38 27.87
C SER A 137 -16.12 -1.15 26.66
N ILE A 138 -16.78 -2.21 26.22
CA ILE A 138 -17.68 -2.10 25.07
C ILE A 138 -18.90 -1.25 25.41
N LEU A 139 -19.39 -1.38 26.63
CA LEU A 139 -20.55 -0.60 27.06
C LEU A 139 -20.21 0.89 27.07
N ALA A 140 -19.00 1.23 27.55
CA ALA A 140 -18.57 2.61 27.59
C ALA A 140 -18.53 3.18 26.18
N ALA A 141 -17.97 2.42 25.25
CA ALA A 141 -17.88 2.85 23.86
C ALA A 141 -19.27 3.07 23.26
N ALA A 142 -20.17 2.14 23.50
CA ALA A 142 -21.54 2.23 22.99
C ALA A 142 -22.24 3.48 23.54
N GLU A 143 -22.10 3.73 24.83
CA GLU A 143 -22.74 4.90 25.43
C GLU A 143 -22.19 6.19 24.84
N LYS A 144 -20.88 6.22 24.62
CA LYS A 144 -20.27 7.42 24.07
C LYS A 144 -20.75 7.60 22.63
N ALA A 145 -21.11 6.50 21.99
CA ALA A 145 -21.61 6.53 20.62
C ALA A 145 -23.02 7.10 20.58
N GLY A 146 -23.67 7.16 21.74
CA GLY A 146 -25.02 7.70 21.80
C GLY A 146 -26.10 6.75 22.30
N MET A 147 -25.78 5.47 22.39
CA MET A 147 -26.78 4.49 22.86
C MET A 147 -27.05 4.67 24.34
N SER A 148 -28.23 4.22 24.78
CA SER A 148 -28.60 4.29 26.18
C SER A 148 -28.06 3.04 26.87
N ALA A 149 -27.83 3.13 28.18
CA ALA A 149 -27.30 2.00 28.93
C ALA A 149 -28.15 0.75 28.68
N GLU A 150 -29.45 0.95 28.51
CA GLU A 150 -30.36 -0.16 28.28
C GLU A 150 -30.18 -0.79 26.91
N GLN A 151 -30.05 0.04 25.89
CA GLN A 151 -29.86 -0.45 24.53
C GLN A 151 -28.54 -1.21 24.42
N ALA A 152 -27.47 -0.56 24.86
CA ALA A 152 -26.14 -1.16 24.82
C ALA A 152 -26.14 -2.50 25.55
N GLN A 153 -26.77 -2.52 26.72
CA GLN A 153 -26.85 -3.75 27.52
C GLN A 153 -27.57 -4.86 26.76
N GLY A 154 -28.67 -4.51 26.12
CA GLY A 154 -29.44 -5.50 25.37
C GLY A 154 -28.64 -6.11 24.24
N LEU A 155 -27.83 -5.29 23.58
CA LEU A 155 -27.02 -5.77 22.47
C LEU A 155 -25.88 -6.64 22.97
N LEU A 156 -25.24 -6.23 24.06
CA LEU A 156 -24.14 -6.98 24.62
C LEU A 156 -24.58 -8.39 25.00
N GLU A 157 -25.83 -8.53 25.42
CA GLU A 157 -26.37 -9.84 25.80
C GLU A 157 -26.53 -10.79 24.63
N LYS A 158 -26.49 -10.25 23.41
CA LYS A 158 -26.67 -11.07 22.21
C LYS A 158 -25.39 -11.45 21.46
N ILE A 159 -24.24 -10.94 21.90
CA ILE A 159 -22.99 -11.22 21.19
C ILE A 159 -22.60 -12.70 21.11
N ALA A 160 -23.15 -13.51 22.01
CA ALA A 160 -22.83 -14.93 22.01
C ALA A 160 -23.97 -15.80 21.42
N THR A 161 -25.00 -15.15 20.87
CA THR A 161 -26.10 -15.90 20.27
C THR A 161 -25.73 -16.42 18.89
N PRO A 162 -26.29 -17.57 18.49
CA PRO A 162 -25.99 -18.16 17.18
C PRO A 162 -26.20 -17.20 16.02
N LYS A 163 -27.27 -16.41 16.09
CA LYS A 163 -27.58 -15.47 15.02
C LYS A 163 -26.46 -14.44 14.79
N VAL A 164 -25.97 -13.86 15.88
CA VAL A 164 -24.90 -12.87 15.78
C VAL A 164 -23.60 -13.51 15.31
N LYS A 165 -23.24 -14.63 15.92
CA LYS A 165 -22.01 -15.34 15.56
C LYS A 165 -22.01 -15.73 14.09
N ASN A 166 -23.12 -16.32 13.63
CA ASN A 166 -23.22 -16.76 12.25
C ASN A 166 -23.15 -15.61 11.24
N GLN A 167 -23.71 -14.47 11.62
CA GLN A 167 -23.71 -13.30 10.74
C GLN A 167 -22.27 -12.78 10.57
N LEU A 168 -21.53 -12.70 11.66
CA LEU A 168 -20.14 -12.24 11.60
C LEU A 168 -19.33 -13.20 10.75
N LYS A 169 -19.56 -14.49 10.91
CA LYS A 169 -18.86 -15.52 10.15
C LYS A 169 -19.14 -15.36 8.65
N GLU A 170 -20.41 -15.15 8.31
CA GLU A 170 -20.80 -14.99 6.90
C GLU A 170 -20.21 -13.74 6.25
N THR A 171 -20.19 -12.63 6.99
CA THR A 171 -19.63 -11.40 6.45
C THR A 171 -18.14 -11.57 6.20
N THR A 172 -17.47 -12.26 7.13
CA THR A 172 -16.05 -12.51 6.98
C THR A 172 -15.80 -13.42 5.78
N GLU A 173 -16.67 -14.41 5.58
CA GLU A 173 -16.51 -15.32 4.44
C GLU A 173 -16.74 -14.61 3.11
N ALA A 174 -17.62 -13.61 3.11
CA ALA A 174 -17.90 -12.84 1.91
C ALA A 174 -16.65 -12.07 1.50
N ALA A 175 -15.90 -11.57 2.48
CA ALA A 175 -14.67 -10.84 2.20
C ALA A 175 -13.70 -11.80 1.53
N CYS A 176 -13.60 -13.01 2.07
CA CYS A 176 -12.70 -14.02 1.50
C CYS A 176 -13.10 -14.36 0.07
N ARG A 177 -14.40 -14.49 -0.18
CA ARG A 177 -14.88 -14.81 -1.52
C ARG A 177 -14.53 -13.72 -2.52
N TYR A 178 -14.38 -12.48 -2.04
CA TYR A 178 -14.01 -11.38 -2.91
C TYR A 178 -12.50 -11.43 -3.13
N GLY A 179 -11.82 -12.32 -2.40
CA GLY A 179 -10.39 -12.46 -2.55
C GLY A 179 -9.52 -11.76 -1.50
N ALA A 180 -10.12 -11.43 -0.36
CA ALA A 180 -9.38 -10.75 0.71
C ALA A 180 -8.29 -11.60 1.36
N PHE A 181 -7.18 -10.94 1.69
CA PHE A 181 -6.05 -11.59 2.35
C PHE A 181 -5.68 -10.70 3.54
N GLY A 182 -6.43 -9.61 3.69
CA GLY A 182 -6.19 -8.67 4.78
C GLY A 182 -7.26 -7.60 4.75
N LEU A 183 -7.13 -6.62 5.63
CA LEU A 183 -8.08 -5.53 5.68
C LEU A 183 -7.36 -4.19 5.72
N PRO A 184 -8.03 -3.11 5.31
CA PRO A 184 -9.41 -3.12 4.82
C PRO A 184 -9.49 -3.44 3.33
N ILE A 185 -10.67 -3.85 2.88
CA ILE A 185 -10.87 -4.07 1.46
C ILE A 185 -12.15 -3.31 1.13
N THR A 186 -12.16 -2.69 -0.04
CA THR A 186 -13.32 -1.93 -0.48
C THR A 186 -13.81 -2.59 -1.76
N VAL A 187 -15.10 -2.86 -1.84
CA VAL A 187 -15.66 -3.47 -3.02
C VAL A 187 -16.61 -2.49 -3.70
N ALA A 188 -16.24 -2.06 -4.89
CA ALA A 188 -17.06 -1.12 -5.63
C ALA A 188 -17.84 -1.85 -6.70
N HIS A 189 -19.13 -1.57 -6.77
CA HIS A 189 -20.02 -2.16 -7.75
C HIS A 189 -20.33 -1.07 -8.76
N VAL A 190 -19.61 -1.11 -9.90
CA VAL A 190 -19.77 -0.10 -10.93
C VAL A 190 -20.19 -0.68 -12.27
N ASP A 191 -21.42 -0.36 -12.68
CA ASP A 191 -21.97 -0.83 -13.96
C ASP A 191 -21.77 -2.33 -14.18
N GLY A 192 -22.39 -3.14 -13.34
CA GLY A 192 -22.28 -4.58 -13.48
C GLY A 192 -20.88 -5.13 -13.32
N GLN A 193 -19.94 -4.29 -12.91
CA GLN A 193 -18.56 -4.73 -12.72
C GLN A 193 -18.17 -4.59 -11.25
N THR A 194 -17.42 -5.56 -10.75
CA THR A 194 -17.00 -5.55 -9.34
C THR A 194 -15.49 -5.44 -9.20
N HIS A 195 -15.06 -4.45 -8.43
CA HIS A 195 -13.63 -4.22 -8.20
C HIS A 195 -13.30 -4.25 -6.71
N MET A 196 -12.31 -5.06 -6.33
N MET A 196 -12.31 -5.05 -6.34
CA MET A 196 -11.89 -5.15 -4.94
CA MET A 196 -11.89 -5.16 -4.95
C MET A 196 -10.56 -4.43 -4.78
C MET A 196 -10.55 -4.44 -4.77
N LEU A 197 -10.53 -3.44 -3.90
CA LEU A 197 -9.31 -2.68 -3.64
C LEU A 197 -8.88 -2.91 -2.19
N PHE A 198 -7.59 -3.13 -1.98
CA PHE A 198 -7.05 -3.37 -0.66
C PHE A 198 -6.28 -2.16 -0.14
N GLY A 199 -6.50 -1.81 1.12
CA GLY A 199 -5.78 -0.69 1.72
C GLY A 199 -6.54 0.60 1.80
N SER A 200 -6.07 1.48 2.69
CA SER A 200 -6.68 2.79 2.87
C SER A 200 -6.07 3.75 1.84
N ASP A 201 -5.07 3.26 1.12
CA ASP A 201 -4.37 4.08 0.13
C ASP A 201 -4.75 3.82 -1.34
N ARG A 202 -5.98 3.39 -1.58
CA ARG A 202 -6.45 3.14 -2.94
C ARG A 202 -7.71 3.95 -3.18
N MET A 203 -7.96 4.94 -2.34
CA MET A 203 -9.15 5.77 -2.49
C MET A 203 -9.09 6.69 -3.70
N GLU A 204 -7.90 7.14 -4.08
CA GLU A 204 -7.80 8.01 -5.24
C GLU A 204 -8.14 7.17 -6.48
N LEU A 205 -7.74 5.90 -6.45
CA LEU A 205 -8.01 4.98 -7.55
C LEU A 205 -9.52 4.69 -7.58
N LEU A 206 -10.12 4.61 -6.40
CA LEU A 206 -11.56 4.37 -6.31
C LEU A 206 -12.31 5.51 -6.99
N ALA A 207 -11.86 6.74 -6.75
CA ALA A 207 -12.49 7.91 -7.34
C ALA A 207 -12.43 7.80 -8.85
N HIS A 208 -11.28 7.39 -9.37
CA HIS A 208 -11.08 7.22 -10.79
C HIS A 208 -12.06 6.19 -11.37
N LEU A 209 -12.22 5.07 -10.67
CA LEU A 209 -13.12 4.03 -11.11
C LEU A 209 -14.59 4.47 -11.09
N LEU A 210 -14.93 5.33 -10.13
CA LEU A 210 -16.29 5.82 -9.99
C LEU A 210 -16.56 7.04 -10.87
N GLY A 211 -15.49 7.61 -11.42
CA GLY A 211 -15.65 8.78 -12.25
C GLY A 211 -15.94 9.99 -11.37
N GLU A 212 -15.47 9.92 -10.12
CA GLU A 212 -15.65 10.99 -9.16
C GLU A 212 -14.35 11.77 -9.00
N LYS A 213 -14.42 12.92 -8.34
CA LYS A 213 -13.25 13.75 -8.15
C LYS A 213 -12.56 13.49 -6.81
N TRP A 214 -11.24 13.29 -6.86
CA TRP A 214 -10.47 13.06 -5.64
C TRP A 214 -10.03 14.44 -5.16
N MET A 215 -10.34 14.77 -3.92
CA MET A 215 -9.96 16.07 -3.39
C MET A 215 -9.08 15.93 -2.15
N GLY A 216 -8.32 14.85 -2.09
CA GLY A 216 -7.47 14.63 -0.94
C GLY A 216 -8.19 13.86 0.15
N PRO A 217 -7.49 13.49 1.22
CA PRO A 217 -8.11 12.74 2.32
C PRO A 217 -9.07 13.56 3.16
N ILE A 218 -9.02 14.89 3.00
CA ILE A 218 -9.89 15.79 3.76
C ILE A 218 -10.63 16.73 2.82
N PRO A 219 -11.68 16.24 2.16
CA PRO A 219 -12.44 17.08 1.23
C PRO A 219 -13.11 18.28 1.90
N PRO A 220 -13.24 19.39 1.15
CA PRO A 220 -13.86 20.62 1.65
C PRO A 220 -15.34 20.45 1.98
N ALA A 221 -15.83 21.21 2.95
CA ALA A 221 -17.22 21.17 3.37
C ALA A 221 -17.63 19.77 3.83
N LEU B 4 16.93 25.73 -0.96
CA LEU B 4 17.42 24.80 -2.00
C LEU B 4 16.48 23.62 -2.15
N PRO B 5 16.54 22.92 -3.30
CA PRO B 5 15.65 21.78 -3.52
C PRO B 5 15.90 20.67 -2.50
N ARG B 6 14.81 20.02 -2.07
CA ARG B 6 14.89 18.92 -1.13
C ARG B 6 15.33 17.66 -1.85
N THR B 7 16.30 16.95 -1.27
CA THR B 7 16.76 15.72 -1.87
C THR B 7 15.79 14.58 -1.61
N VAL B 8 15.38 13.91 -2.69
CA VAL B 8 14.47 12.77 -2.60
C VAL B 8 15.16 11.60 -3.30
N GLU B 9 15.44 10.54 -2.57
CA GLU B 9 16.10 9.36 -3.14
C GLU B 9 15.07 8.28 -3.44
N LEU B 10 15.19 7.68 -4.62
CA LEU B 10 14.28 6.61 -5.00
C LEU B 10 15.09 5.35 -5.22
N PHE B 11 14.82 4.34 -4.40
CA PHE B 11 15.51 3.06 -4.54
C PHE B 11 14.57 2.17 -5.35
N TYR B 12 15.12 1.53 -6.38
CA TYR B 12 14.30 0.71 -7.27
C TYR B 12 15.07 -0.45 -7.89
N ASP B 13 14.32 -1.40 -8.43
CA ASP B 13 14.86 -2.56 -9.13
C ASP B 13 13.94 -2.71 -10.33
N VAL B 14 14.47 -2.98 -11.52
CA VAL B 14 13.60 -3.10 -12.68
C VAL B 14 12.74 -4.36 -12.59
N LEU B 15 13.10 -5.25 -11.66
CA LEU B 15 12.35 -6.48 -11.45
C LEU B 15 11.04 -6.17 -10.73
N SER B 16 10.96 -4.98 -10.15
CA SER B 16 9.78 -4.54 -9.41
C SER B 16 8.82 -3.69 -10.23
N PRO B 17 7.60 -4.20 -10.51
CA PRO B 17 6.65 -3.42 -11.30
C PRO B 17 6.13 -2.18 -10.55
N TYR B 18 5.97 -2.30 -9.24
CA TYR B 18 5.50 -1.15 -8.47
C TYR B 18 6.56 -0.05 -8.42
N SER B 19 7.82 -0.45 -8.49
CA SER B 19 8.93 0.49 -8.49
C SER B 19 8.85 1.32 -9.77
N TRP B 20 8.39 0.71 -10.86
CA TRP B 20 8.26 1.42 -12.13
C TRP B 20 7.18 2.51 -12.00
N LEU B 21 6.07 2.17 -11.36
CA LEU B 21 4.97 3.13 -11.17
C LEU B 21 5.42 4.31 -10.31
N GLY B 22 6.15 4.02 -9.23
CA GLY B 22 6.63 5.08 -8.37
C GLY B 22 7.60 5.98 -9.11
N PHE B 23 8.48 5.35 -9.87
CA PHE B 23 9.50 6.04 -10.66
C PHE B 23 8.88 7.03 -11.66
N GLU B 24 7.86 6.59 -12.40
CA GLU B 24 7.24 7.49 -13.38
C GLU B 24 6.55 8.68 -12.72
N ILE B 25 5.91 8.45 -11.58
CA ILE B 25 5.24 9.54 -10.88
C ILE B 25 6.26 10.59 -10.45
N LEU B 26 7.34 10.16 -9.83
CA LEU B 26 8.36 11.11 -9.38
C LEU B 26 9.02 11.81 -10.57
N CYS B 27 9.23 11.10 -11.67
CA CYS B 27 9.83 11.71 -12.85
C CYS B 27 8.92 12.81 -13.41
N ARG B 28 7.60 12.60 -13.31
CA ARG B 28 6.65 13.59 -13.80
C ARG B 28 6.62 14.83 -12.92
N TYR B 29 7.05 14.68 -11.66
CA TYR B 29 7.06 15.79 -10.70
C TYR B 29 8.42 16.43 -10.44
N GLN B 30 9.49 15.80 -10.91
CA GLN B 30 10.83 16.31 -10.64
C GLN B 30 11.14 17.74 -11.10
N ASN B 31 10.37 18.25 -12.06
CA ASN B 31 10.59 19.62 -12.55
C ASN B 31 9.48 20.55 -12.06
N ILE B 32 8.51 19.98 -11.34
CA ILE B 32 7.40 20.76 -10.82
C ILE B 32 7.65 21.10 -9.36
N TRP B 33 7.94 20.08 -8.55
CA TRP B 33 8.21 20.29 -7.13
C TRP B 33 9.65 20.76 -6.94
N ASN B 34 9.92 21.37 -5.79
CA ASN B 34 11.26 21.84 -5.49
C ASN B 34 12.07 20.67 -4.92
N ILE B 35 12.40 19.72 -5.77
CA ILE B 35 13.16 18.56 -5.32
C ILE B 35 14.30 18.19 -6.24
N ASN B 36 15.26 17.46 -5.69
CA ASN B 36 16.40 16.95 -6.42
C ASN B 36 16.21 15.43 -6.38
N LEU B 37 15.75 14.86 -7.48
CA LEU B 37 15.51 13.41 -7.55
C LEU B 37 16.79 12.63 -7.79
N GLN B 38 17.12 11.75 -6.84
CA GLN B 38 18.30 10.92 -6.93
C GLN B 38 17.89 9.47 -7.10
N LEU B 39 18.21 8.90 -8.26
CA LEU B 39 17.86 7.50 -8.55
C LEU B 39 18.89 6.57 -7.93
N ARG B 40 18.42 5.54 -7.25
CA ARG B 40 19.32 4.60 -6.57
C ARG B 40 19.06 3.15 -7.00
N PRO B 41 19.75 2.68 -8.06
CA PRO B 41 19.55 1.31 -8.52
C PRO B 41 19.89 0.35 -7.39
N SER B 42 18.96 -0.55 -7.06
CA SER B 42 19.16 -1.51 -5.96
C SER B 42 18.68 -2.90 -6.33
N LEU B 43 19.00 -3.88 -5.51
CA LEU B 43 18.59 -5.26 -5.73
C LEU B 43 17.51 -5.65 -4.72
N ILE B 44 16.31 -5.89 -5.20
CA ILE B 44 15.21 -6.24 -4.30
C ILE B 44 15.48 -7.58 -3.60
N THR B 45 16.18 -8.48 -4.28
CA THR B 45 16.49 -9.78 -3.69
C THR B 45 17.36 -9.60 -2.46
N GLY B 46 18.27 -8.63 -2.52
CA GLY B 46 19.15 -8.37 -1.39
C GLY B 46 18.38 -7.79 -0.21
N ILE B 47 17.41 -6.93 -0.52
CA ILE B 47 16.59 -6.30 0.51
C ILE B 47 15.69 -7.37 1.16
N MET B 48 15.15 -8.25 0.34
CA MET B 48 14.28 -9.33 0.81
C MET B 48 15.06 -10.23 1.78
N LYS B 49 16.25 -10.65 1.37
CA LYS B 49 17.07 -11.52 2.20
C LYS B 49 17.46 -10.87 3.53
N ASP B 50 17.87 -9.61 3.46
CA ASP B 50 18.29 -8.88 4.66
C ASP B 50 17.18 -8.66 5.68
N SER B 51 15.96 -8.41 5.20
CA SER B 51 14.84 -8.16 6.08
C SER B 51 14.07 -9.41 6.49
N GLY B 52 14.31 -10.53 5.81
CA GLY B 52 13.61 -11.75 6.14
C GLY B 52 12.23 -11.78 5.49
N ASN B 53 12.03 -10.91 4.50
CA ASN B 53 10.75 -10.82 3.81
C ASN B 53 10.74 -11.75 2.58
N LYS B 54 9.55 -11.95 2.01
CA LYS B 54 9.39 -12.78 0.82
C LYS B 54 8.49 -12.06 -0.18
N PRO B 55 8.69 -12.32 -1.48
CA PRO B 55 7.85 -11.67 -2.50
C PRO B 55 6.38 -11.86 -2.16
N PRO B 56 5.59 -10.78 -2.14
CA PRO B 56 4.16 -10.91 -1.83
C PRO B 56 3.40 -11.82 -2.79
N GLY B 57 3.84 -11.85 -4.05
CA GLY B 57 3.18 -12.67 -5.05
C GLY B 57 3.22 -14.17 -4.77
N LEU B 58 4.03 -14.60 -3.82
CA LEU B 58 4.11 -16.02 -3.50
C LEU B 58 2.83 -16.52 -2.86
N LEU B 59 2.08 -15.63 -2.23
CA LEU B 59 0.82 -16.00 -1.61
C LEU B 59 -0.21 -15.88 -2.74
N PRO B 60 -0.87 -17.00 -3.09
CA PRO B 60 -1.87 -17.03 -4.17
C PRO B 60 -2.83 -15.86 -4.23
N ARG B 61 -3.51 -15.57 -3.13
CA ARG B 61 -4.47 -14.47 -3.11
C ARG B 61 -3.84 -13.10 -3.35
N LYS B 62 -2.60 -12.93 -2.92
CA LYS B 62 -1.92 -11.66 -3.12
C LYS B 62 -1.38 -11.58 -4.55
N GLY B 63 -0.95 -12.72 -5.09
CA GLY B 63 -0.44 -12.72 -6.45
C GLY B 63 -1.57 -12.36 -7.40
N LEU B 64 -2.75 -12.87 -7.09
CA LEU B 64 -3.95 -12.60 -7.87
C LEU B 64 -4.32 -11.12 -7.78
N TYR B 65 -4.25 -10.59 -6.55
CA TYR B 65 -4.57 -9.19 -6.34
C TYR B 65 -3.61 -8.29 -7.12
N MET B 66 -2.33 -8.60 -7.07
CA MET B 66 -1.34 -7.80 -7.79
C MET B 66 -1.68 -7.69 -9.28
N ALA B 67 -2.09 -8.79 -9.87
CA ALA B 67 -2.44 -8.80 -11.28
C ALA B 67 -3.59 -7.84 -11.56
N ASN B 68 -4.64 -7.93 -10.74
CA ASN B 68 -5.80 -7.06 -10.91
C ASN B 68 -5.47 -5.60 -10.62
N ASP B 69 -4.68 -5.37 -9.57
CA ASP B 69 -4.30 -4.03 -9.18
C ASP B 69 -3.50 -3.33 -10.30
N LEU B 70 -2.50 -4.03 -10.84
CA LEU B 70 -1.68 -3.45 -11.90
C LEU B 70 -2.48 -3.18 -13.18
N LYS B 71 -3.51 -4.00 -13.41
CA LYS B 71 -4.34 -3.82 -14.60
C LYS B 71 -5.11 -2.51 -14.49
N LEU B 72 -5.56 -2.18 -13.28
CA LEU B 72 -6.30 -0.95 -13.06
C LEU B 72 -5.36 0.25 -13.01
N LEU B 73 -4.20 0.08 -12.40
CA LEU B 73 -3.24 1.16 -12.30
C LEU B 73 -2.72 1.56 -13.67
N ARG B 74 -2.71 0.61 -14.60
CA ARG B 74 -2.25 0.86 -15.96
C ARG B 74 -2.99 2.04 -16.57
N HIS B 75 -4.31 2.04 -16.42
N HIS B 75 -4.31 2.04 -16.42
CA HIS B 75 -5.14 3.11 -16.97
CA HIS B 75 -5.16 3.10 -16.96
C HIS B 75 -5.15 4.36 -16.11
C HIS B 75 -5.13 4.36 -16.11
N HIS B 76 -5.15 4.20 -14.80
CA HIS B 76 -5.13 5.33 -13.89
C HIS B 76 -3.87 6.17 -14.00
N LEU B 77 -2.72 5.49 -14.07
CA LEU B 77 -1.43 6.16 -14.16
C LEU B 77 -0.93 6.35 -15.58
N GLN B 78 -1.56 5.68 -16.55
CA GLN B 78 -1.14 5.79 -17.94
C GLN B 78 0.29 5.30 -18.14
N ILE B 79 0.53 4.06 -17.75
CA ILE B 79 1.82 3.43 -17.88
C ILE B 79 1.50 2.09 -18.55
N PRO B 80 2.10 1.81 -19.72
CA PRO B 80 1.87 0.58 -20.47
C PRO B 80 2.38 -0.70 -19.81
N ILE B 81 1.88 -0.99 -18.62
CA ILE B 81 2.33 -2.19 -17.93
C ILE B 81 1.40 -3.37 -18.24
N HIS B 82 2.00 -4.48 -18.62
CA HIS B 82 1.25 -5.69 -18.92
C HIS B 82 1.83 -6.82 -18.07
N PHE B 83 1.10 -7.20 -17.02
CA PHE B 83 1.54 -8.25 -16.13
C PHE B 83 1.38 -9.61 -16.79
N PRO B 84 2.49 -10.30 -17.07
CA PRO B 84 2.43 -11.62 -17.70
C PRO B 84 1.96 -12.68 -16.70
N LYS B 85 1.27 -13.71 -17.21
CA LYS B 85 0.77 -14.79 -16.37
C LYS B 85 1.87 -15.43 -15.52
N ASP B 86 3.07 -15.52 -16.08
CA ASP B 86 4.19 -16.15 -15.37
C ASP B 86 5.17 -15.13 -14.79
N PHE B 87 4.65 -14.12 -14.09
CA PHE B 87 5.50 -13.11 -13.50
C PHE B 87 6.44 -13.73 -12.47
N LEU B 88 5.97 -14.77 -11.77
CA LEU B 88 6.78 -15.44 -10.76
C LEU B 88 8.08 -16.00 -11.34
N SER B 89 7.99 -16.60 -12.52
CA SER B 89 9.16 -17.17 -13.18
C SER B 89 10.16 -16.08 -13.56
N VAL B 90 9.64 -14.96 -14.03
CA VAL B 90 10.50 -13.84 -14.43
C VAL B 90 11.26 -13.32 -13.22
N MET B 91 10.57 -13.22 -12.09
CA MET B 91 11.16 -12.71 -10.86
C MET B 91 12.07 -13.71 -10.15
N LEU B 92 11.45 -14.70 -9.50
CA LEU B 92 12.18 -15.71 -8.74
C LEU B 92 13.21 -16.50 -9.53
N GLU B 93 12.93 -16.76 -10.80
CA GLU B 93 13.85 -17.52 -11.61
C GLU B 93 14.93 -16.68 -12.31
N LYS B 94 14.54 -15.99 -13.37
CA LYS B 94 15.48 -15.18 -14.14
C LYS B 94 16.22 -14.09 -13.36
N GLY B 95 15.50 -13.24 -12.65
CA GLY B 95 16.15 -12.19 -11.88
C GLY B 95 16.51 -10.96 -12.71
N SER B 96 17.19 -10.01 -12.06
CA SER B 96 17.58 -8.77 -12.72
C SER B 96 19.01 -8.35 -12.39
N LEU B 97 19.84 -9.30 -11.98
CA LEU B 97 21.21 -8.99 -11.60
C LEU B 97 22.04 -8.23 -12.63
N SER B 98 22.14 -8.78 -13.84
CA SER B 98 22.92 -8.13 -14.89
C SER B 98 22.40 -6.75 -15.23
N ALA B 99 21.08 -6.62 -15.30
CA ALA B 99 20.43 -5.36 -15.63
C ALA B 99 20.68 -4.29 -14.58
N MET B 100 20.64 -4.66 -13.31
CA MET B 100 20.87 -3.69 -12.24
C MET B 100 22.34 -3.33 -12.16
N ARG B 101 23.22 -4.27 -12.51
CA ARG B 101 24.64 -3.97 -12.50
C ARG B 101 24.92 -3.01 -13.65
N PHE B 102 24.20 -3.20 -14.76
CA PHE B 102 24.36 -2.33 -15.92
C PHE B 102 23.95 -0.91 -15.54
N LEU B 103 22.77 -0.77 -14.93
CA LEU B 103 22.30 0.56 -14.53
C LEU B 103 23.25 1.20 -13.53
N THR B 104 23.91 0.38 -12.71
CA THR B 104 24.87 0.89 -11.74
C THR B 104 26.06 1.46 -12.51
N ALA B 105 26.44 0.79 -13.59
CA ALA B 105 27.56 1.25 -14.42
C ALA B 105 27.17 2.57 -15.07
N VAL B 106 25.95 2.64 -15.58
CA VAL B 106 25.44 3.84 -16.21
C VAL B 106 25.48 5.00 -15.22
N ASN B 107 25.04 4.75 -13.99
CA ASN B 107 25.03 5.79 -12.96
C ASN B 107 26.43 6.29 -12.63
N LEU B 108 27.41 5.40 -12.73
CA LEU B 108 28.80 5.76 -12.44
C LEU B 108 29.48 6.58 -13.54
N GLU B 109 29.18 6.30 -14.81
CA GLU B 109 29.83 7.01 -15.89
C GLU B 109 28.97 7.89 -16.79
N HIS B 110 27.68 7.59 -16.87
CA HIS B 110 26.77 8.38 -17.70
C HIS B 110 25.45 8.62 -16.97
N PRO B 111 25.50 9.26 -15.80
CA PRO B 111 24.32 9.57 -14.98
C PRO B 111 23.16 10.19 -15.74
N GLU B 112 23.48 10.98 -16.77
CA GLU B 112 22.45 11.64 -17.56
C GLU B 112 21.58 10.66 -18.32
N MET B 113 22.07 9.42 -18.48
CA MET B 113 21.33 8.40 -19.20
C MET B 113 20.56 7.46 -18.28
N LEU B 114 20.75 7.56 -16.98
CA LEU B 114 20.10 6.67 -16.03
C LEU B 114 18.59 6.59 -16.13
N GLU B 115 17.91 7.74 -16.17
CA GLU B 115 16.45 7.71 -16.25
C GLU B 115 15.94 6.96 -17.47
N LYS B 116 16.43 7.30 -18.65
CA LYS B 116 15.98 6.63 -19.87
C LYS B 116 16.37 5.14 -19.93
N ALA B 117 17.58 4.81 -19.50
CA ALA B 117 18.03 3.44 -19.51
C ALA B 117 17.13 2.60 -18.61
N SER B 118 16.80 3.16 -17.44
CA SER B 118 15.93 2.46 -16.49
C SER B 118 14.55 2.20 -17.07
N ARG B 119 13.98 3.22 -17.71
CA ARG B 119 12.66 3.11 -18.31
C ARG B 119 12.61 2.07 -19.42
N GLU B 120 13.65 2.02 -20.25
CA GLU B 120 13.68 1.07 -21.36
C GLU B 120 13.77 -0.36 -20.86
N LEU B 121 14.48 -0.58 -19.76
CA LEU B 121 14.58 -1.92 -19.20
C LEU B 121 13.23 -2.35 -18.64
N TRP B 122 12.51 -1.43 -17.99
CA TRP B 122 11.19 -1.74 -17.47
C TRP B 122 10.26 -2.03 -18.65
N MET B 123 10.43 -1.30 -19.76
CA MET B 123 9.60 -1.53 -20.94
C MET B 123 9.76 -2.96 -21.46
N ARG B 124 10.98 -3.47 -21.44
CA ARG B 124 11.22 -4.83 -21.90
C ARG B 124 10.54 -5.86 -21.01
N VAL B 125 10.89 -5.86 -19.73
CA VAL B 125 10.32 -6.84 -18.82
C VAL B 125 8.84 -6.68 -18.44
N TRP B 126 8.37 -5.47 -18.17
CA TRP B 126 6.97 -5.31 -17.77
C TRP B 126 6.00 -4.76 -18.80
N SER B 127 6.49 -4.41 -19.99
CA SER B 127 5.57 -3.91 -21.01
C SER B 127 5.47 -4.92 -22.14
N ARG B 128 6.61 -5.28 -22.73
CA ARG B 128 6.61 -6.24 -23.83
C ARG B 128 6.92 -7.66 -23.37
N ASN B 129 7.24 -7.80 -22.09
CA ASN B 129 7.55 -9.11 -21.52
C ASN B 129 8.70 -9.80 -22.24
N GLU B 130 9.75 -9.02 -22.51
CA GLU B 130 10.95 -9.54 -23.18
C GLU B 130 12.04 -9.78 -22.15
N ASP B 131 13.05 -10.55 -22.54
CA ASP B 131 14.16 -10.88 -21.65
C ASP B 131 15.03 -9.68 -21.30
N ILE B 132 15.60 -9.70 -20.10
CA ILE B 132 16.49 -8.64 -19.64
C ILE B 132 17.71 -9.23 -18.98
N THR B 133 17.95 -10.52 -19.20
CA THR B 133 19.09 -11.19 -18.60
C THR B 133 20.30 -11.33 -19.53
N GLU B 134 20.04 -11.50 -20.83
CA GLU B 134 21.14 -11.66 -21.80
C GLU B 134 21.73 -10.31 -22.21
N PRO B 135 23.05 -10.28 -22.44
CA PRO B 135 23.71 -9.03 -22.86
C PRO B 135 23.08 -8.34 -24.06
N GLN B 136 22.68 -9.11 -25.07
CA GLN B 136 22.06 -8.53 -26.25
C GLN B 136 20.72 -7.86 -25.91
N SER B 137 20.05 -8.37 -24.89
CA SER B 137 18.77 -7.79 -24.46
C SER B 137 19.03 -6.42 -23.83
N ILE B 138 20.03 -6.38 -22.95
CA ILE B 138 20.40 -5.14 -22.27
C ILE B 138 20.89 -4.11 -23.29
N LEU B 139 21.70 -4.56 -24.25
CA LEU B 139 22.22 -3.67 -25.29
C LEU B 139 21.07 -3.03 -26.06
N ALA B 140 20.06 -3.83 -26.38
CA ALA B 140 18.92 -3.32 -27.11
C ALA B 140 18.27 -2.16 -26.36
N ALA B 141 18.11 -2.33 -25.06
CA ALA B 141 17.50 -1.29 -24.21
C ALA B 141 18.36 -0.04 -24.17
N ALA B 142 19.66 -0.23 -23.96
CA ALA B 142 20.60 0.89 -23.90
C ALA B 142 20.59 1.72 -25.19
N GLU B 143 20.54 1.04 -26.32
CA GLU B 143 20.53 1.73 -27.60
C GLU B 143 19.20 2.46 -27.80
N LYS B 144 18.11 1.84 -27.37
CA LYS B 144 16.80 2.47 -27.52
C LYS B 144 16.71 3.68 -26.60
N ALA B 145 17.50 3.66 -25.53
CA ALA B 145 17.51 4.77 -24.58
C ALA B 145 18.25 5.98 -25.15
N GLY B 146 19.06 5.74 -26.18
CA GLY B 146 19.80 6.84 -26.79
C GLY B 146 21.30 6.68 -26.74
N MET B 147 21.78 5.54 -26.25
CA MET B 147 23.22 5.30 -26.17
C MET B 147 23.73 4.69 -27.48
N SER B 148 24.99 4.94 -27.79
CA SER B 148 25.60 4.40 -28.99
C SER B 148 26.09 2.99 -28.68
N ALA B 149 26.11 2.13 -29.70
CA ALA B 149 26.56 0.75 -29.52
C ALA B 149 27.91 0.72 -28.81
N GLU B 150 28.76 1.68 -29.12
CA GLU B 150 30.08 1.77 -28.50
C GLU B 150 29.99 2.00 -27.00
N GLN B 151 29.16 2.97 -26.60
CA GLN B 151 29.00 3.28 -25.18
C GLN B 151 28.37 2.11 -24.44
N ALA B 152 27.23 1.63 -24.94
CA ALA B 152 26.53 0.51 -24.33
C ALA B 152 27.47 -0.67 -24.15
N GLN B 153 28.14 -1.05 -25.22
CA GLN B 153 29.07 -2.17 -25.18
C GLN B 153 30.17 -1.94 -24.15
N GLY B 154 30.59 -0.69 -24.01
CA GLY B 154 31.64 -0.36 -23.05
C GLY B 154 31.22 -0.56 -21.61
N LEU B 155 30.01 -0.11 -21.29
CA LEU B 155 29.49 -0.24 -19.93
C LEU B 155 29.21 -1.71 -19.59
N LEU B 156 28.69 -2.44 -20.57
CA LEU B 156 28.37 -3.84 -20.41
C LEU B 156 29.58 -4.66 -19.99
N GLU B 157 30.75 -4.26 -20.46
CA GLU B 157 31.99 -4.95 -20.15
C GLU B 157 32.48 -4.67 -18.73
N LYS B 158 31.82 -3.75 -18.04
CA LYS B 158 32.24 -3.40 -16.68
C LYS B 158 31.28 -3.89 -15.59
N ILE B 159 30.15 -4.48 -15.98
CA ILE B 159 29.18 -4.94 -15.00
C ILE B 159 29.69 -6.05 -14.08
N ALA B 160 30.86 -6.60 -14.41
CA ALA B 160 31.43 -7.67 -13.60
C ALA B 160 32.63 -7.17 -12.79
N THR B 161 33.00 -5.90 -12.98
CA THR B 161 34.12 -5.34 -12.25
C THR B 161 33.76 -5.12 -10.79
N PRO B 162 34.76 -5.14 -9.89
CA PRO B 162 34.51 -4.95 -8.46
C PRO B 162 33.86 -3.60 -8.14
N LYS B 163 34.28 -2.55 -8.84
CA LYS B 163 33.72 -1.23 -8.58
C LYS B 163 32.20 -1.22 -8.78
N VAL B 164 31.74 -1.80 -9.87
CA VAL B 164 30.31 -1.85 -10.15
C VAL B 164 29.58 -2.76 -9.16
N LYS B 165 30.16 -3.93 -8.89
CA LYS B 165 29.54 -4.85 -7.96
C LYS B 165 29.38 -4.24 -6.57
N ASN B 166 30.44 -3.64 -6.06
CA ASN B 166 30.42 -3.02 -4.74
C ASN B 166 29.44 -1.86 -4.64
N GLN B 167 29.34 -1.08 -5.70
CA GLN B 167 28.44 0.07 -5.73
C GLN B 167 26.98 -0.38 -5.61
N LEU B 168 26.63 -1.45 -6.33
CA LEU B 168 25.27 -1.96 -6.27
C LEU B 168 25.02 -2.53 -4.88
N LYS B 169 26.01 -3.21 -4.32
CA LYS B 169 25.87 -3.78 -2.99
C LYS B 169 25.69 -2.69 -1.95
N GLU B 170 26.48 -1.63 -2.05
CA GLU B 170 26.41 -0.52 -1.11
C GLU B 170 25.10 0.25 -1.17
N THR B 171 24.58 0.43 -2.39
CA THR B 171 23.32 1.14 -2.57
C THR B 171 22.20 0.30 -1.98
N THR B 172 22.24 -1.00 -2.21
CA THR B 172 21.25 -1.91 -1.69
C THR B 172 21.32 -1.92 -0.15
N GLU B 173 22.52 -1.86 0.40
CA GLU B 173 22.69 -1.84 1.85
C GLU B 173 22.14 -0.54 2.43
N ALA B 174 22.30 0.56 1.69
CA ALA B 174 21.79 1.86 2.14
C ALA B 174 20.27 1.78 2.30
N ALA B 175 19.61 1.07 1.38
CA ALA B 175 18.17 0.92 1.44
C ALA B 175 17.80 0.15 2.71
N CYS B 176 18.57 -0.89 3.01
CA CYS B 176 18.31 -1.69 4.20
C CYS B 176 18.51 -0.86 5.47
N ARG B 177 19.56 -0.03 5.48
CA ARG B 177 19.82 0.82 6.65
C ARG B 177 18.69 1.81 6.88
N TYR B 178 17.98 2.18 5.81
CA TYR B 178 16.85 3.09 5.91
C TYR B 178 15.62 2.33 6.41
N GLY B 179 15.73 1.00 6.50
CA GLY B 179 14.61 0.21 6.98
C GLY B 179 13.78 -0.51 5.92
N ALA B 180 14.32 -0.63 4.71
CA ALA B 180 13.58 -1.28 3.62
C ALA B 180 13.34 -2.78 3.82
N PHE B 181 12.15 -3.22 3.42
CA PHE B 181 11.77 -4.64 3.48
C PHE B 181 11.25 -4.98 2.09
N GLY B 182 11.30 -4.00 1.20
CA GLY B 182 10.83 -4.19 -0.16
C GLY B 182 11.04 -2.92 -0.96
N LEU B 183 10.52 -2.90 -2.18
CA LEU B 183 10.67 -1.74 -3.05
C LEU B 183 9.34 -1.42 -3.73
N PRO B 184 9.16 -0.17 -4.15
CA PRO B 184 10.15 0.91 -4.01
C PRO B 184 10.09 1.61 -2.66
N ILE B 185 11.17 2.29 -2.29
CA ILE B 185 11.15 3.11 -1.07
C ILE B 185 11.65 4.47 -1.54
N THR B 186 11.03 5.52 -1.01
CA THR B 186 11.40 6.88 -1.35
C THR B 186 11.87 7.50 -0.04
N VAL B 187 13.05 8.13 -0.07
CA VAL B 187 13.58 8.75 1.14
C VAL B 187 13.65 10.26 0.94
N ALA B 188 12.84 10.98 1.71
CA ALA B 188 12.80 12.43 1.62
C ALA B 188 13.61 13.08 2.75
N HIS B 189 14.48 14.01 2.39
CA HIS B 189 15.31 14.73 3.35
C HIS B 189 14.70 16.12 3.49
N VAL B 190 13.87 16.29 4.53
CA VAL B 190 13.19 17.56 4.76
C VAL B 190 13.58 18.20 6.08
N ASP B 191 14.33 19.30 5.99
CA ASP B 191 14.78 20.05 7.16
C ASP B 191 15.32 19.17 8.28
N GLY B 192 16.50 18.60 8.07
CA GLY B 192 17.10 17.76 9.08
C GLY B 192 16.48 16.39 9.28
N GLN B 193 15.17 16.28 9.05
CA GLN B 193 14.48 15.00 9.20
C GLN B 193 14.54 14.14 7.94
N THR B 194 14.57 12.83 8.15
CA THR B 194 14.62 11.87 7.05
C THR B 194 13.40 10.96 7.14
N HIS B 195 12.62 10.91 6.08
CA HIS B 195 11.41 10.07 6.05
C HIS B 195 11.48 9.01 4.94
N MET B 196 11.29 7.74 5.31
N MET B 196 11.30 7.74 5.32
CA MET B 196 11.31 6.67 4.34
CA MET B 196 11.31 6.66 4.34
C MET B 196 9.87 6.23 4.07
C MET B 196 9.86 6.25 4.07
N LEU B 197 9.45 6.30 2.81
CA LEU B 197 8.09 5.92 2.43
C LEU B 197 8.15 4.68 1.52
N PHE B 198 7.29 3.70 1.81
CA PHE B 198 7.26 2.49 1.00
C PHE B 198 6.07 2.46 0.05
N GLY B 199 6.34 2.07 -1.20
CA GLY B 199 5.27 1.96 -2.17
C GLY B 199 5.14 3.09 -3.16
N SER B 200 4.45 2.83 -4.26
CA SER B 200 4.23 3.83 -5.29
C SER B 200 3.00 4.62 -4.88
N ASP B 201 2.32 4.16 -3.82
CA ASP B 201 1.11 4.80 -3.34
C ASP B 201 1.22 5.71 -2.12
N ARG B 202 2.39 6.29 -1.91
CA ARG B 202 2.60 7.21 -0.79
C ARG B 202 3.08 8.55 -1.35
N MET B 203 2.86 8.78 -2.63
CA MET B 203 3.32 10.03 -3.24
C MET B 203 2.48 11.24 -2.80
N GLU B 204 1.22 11.03 -2.45
CA GLU B 204 0.41 12.17 -2.00
C GLU B 204 0.90 12.56 -0.61
N LEU B 205 1.28 11.56 0.20
CA LEU B 205 1.80 11.82 1.53
C LEU B 205 3.14 12.56 1.40
N LEU B 206 3.94 12.17 0.41
CA LEU B 206 5.23 12.82 0.19
C LEU B 206 5.03 14.31 -0.11
N ALA B 207 4.02 14.62 -0.93
CA ALA B 207 3.72 16.00 -1.26
C ALA B 207 3.38 16.77 0.02
N HIS B 208 2.64 16.10 0.91
CA HIS B 208 2.26 16.71 2.18
C HIS B 208 3.51 17.04 3.01
N LEU B 209 4.43 16.09 3.11
CA LEU B 209 5.67 16.27 3.88
C LEU B 209 6.55 17.37 3.30
N LEU B 210 6.53 17.50 1.99
CA LEU B 210 7.34 18.50 1.29
C LEU B 210 6.67 19.88 1.22
N GLY B 211 5.38 19.92 1.55
CA GLY B 211 4.64 21.17 1.48
C GLY B 211 4.37 21.53 0.03
N GLU B 212 4.32 20.50 -0.82
CA GLU B 212 4.06 20.69 -2.25
C GLU B 212 2.61 20.34 -2.53
N LYS B 213 2.16 20.63 -3.74
CA LYS B 213 0.78 20.34 -4.12
C LYS B 213 0.68 19.05 -4.92
N TRP B 214 -0.23 18.17 -4.51
CA TRP B 214 -0.46 16.91 -5.21
C TRP B 214 -1.53 17.18 -6.27
N MET B 215 -1.21 16.87 -7.52
CA MET B 215 -2.15 17.08 -8.61
C MET B 215 -2.48 15.77 -9.31
N GLY B 216 -2.40 14.67 -8.58
CA GLY B 216 -2.71 13.39 -9.18
C GLY B 216 -1.48 12.73 -9.79
N PRO B 217 -1.61 11.50 -10.29
CA PRO B 217 -0.51 10.75 -10.91
C PRO B 217 -0.04 11.31 -12.24
N ILE B 218 -0.84 12.17 -12.85
CA ILE B 218 -0.48 12.78 -14.13
C ILE B 218 -0.66 14.28 -14.04
N PRO B 219 0.34 15.00 -13.52
CA PRO B 219 0.27 16.46 -13.38
C PRO B 219 0.38 17.18 -14.73
N PRO B 220 -0.15 18.41 -14.81
CA PRO B 220 -0.10 19.18 -16.06
C PRO B 220 1.31 19.20 -16.64
N ALA B 221 1.46 18.64 -17.84
CA ALA B 221 2.75 18.58 -18.50
C ALA B 221 3.23 19.97 -18.93
#